data_6IIV
#
_entry.id   6IIV
#
_cell.length_a   81.530
_cell.length_b   152.170
_cell.length_c   125.220
_cell.angle_alpha   90.00
_cell.angle_beta   90.00
_cell.angle_gamma   90.00
#
_symmetry.space_group_name_H-M   'C 2 2 21'
#
loop_
_entity.id
_entity.type
_entity.pdbx_description
1 polymer 'Soluble cytochrome b562,Thromboxane A2 receptor,Rubredoxin,Thromboxane A2 receptor'
2 non-polymer '2-[4-[2-[(4-chlorophenyl)sulfonylamino]ethyl]phenyl]ethanoic acid'
3 non-polymer 'ZINC ION'
4 non-polymer CHOLESTEROL
5 non-polymer GLYCEROL
#
_entity_poly.entity_id   1
_entity_poly.type   'polypeptide(L)'
_entity_poly.pdbx_seq_one_letter_code
;DYKDDDDGAPADLEDNWETLNDNLKVIEKADNAAQVKDALTKMRAAALDAQKATPPKLEDKSPDSPEMKDFRHGFDILVG
QIDDALKLANEGKVKEAQAAAEQLKTTRNAYIQKYLPCFRPTNITLEERRLIASPWFAASFCVVGLASNLLALSVLAGAR
QGGSHTRSSFLTFLCGLVLTDFLGLLVTGTIVVSQHAALFEWHAVDPGCRLCRFMGVVMIFFGLSPLLLGAAMASERYLG
ITRPFSRPAVASQRRAWATVGLVWAAALALGLLPLLGVGRYTVQYPGSWCFLTLGAESGDVAFGLLFSMLGGLSVGLSFL
LNTVSVATLCHVYHGMKKYTCTVCGYIYNPEDGDPDNGVNPGTDFKDIPDDWVCPLCGVGKDQFEEVEERDSEVEMMAQA
LGIMVVASVCWLPLLVFIAQTVLRNPPAMSPAGQLSRTTEKELLIYLRVATWNQILDPWVYILFRRAVLRRLQPRLEFLE
VLFQ
;
_entity_poly.pdbx_strand_id   A
#
# COMPACT_ATOMS: atom_id res chain seq x y z
N PRO A 10 26.12 8.61 22.93
CA PRO A 10 26.37 7.51 21.99
C PRO A 10 25.66 7.63 20.64
N ALA A 11 26.00 6.73 19.68
CA ALA A 11 25.44 6.68 18.33
C ALA A 11 24.48 5.52 18.15
N ASP A 12 23.50 5.69 17.22
CA ASP A 12 22.47 4.70 16.85
C ASP A 12 23.17 3.46 16.30
N LEU A 13 22.68 2.27 16.69
CA LEU A 13 23.18 0.96 16.28
C LEU A 13 23.37 0.85 14.76
N GLU A 14 22.45 1.48 14.02
CA GLU A 14 22.38 1.55 12.56
C GLU A 14 23.51 2.38 11.97
N ASP A 15 23.90 3.47 12.67
CA ASP A 15 24.96 4.34 12.23
C ASP A 15 26.27 3.58 12.30
N ASN A 16 26.48 2.83 13.43
CA ASN A 16 27.65 1.99 13.68
C ASN A 16 27.70 0.84 12.69
N TRP A 17 26.51 0.29 12.35
CA TRP A 17 26.37 -0.80 11.41
C TRP A 17 26.90 -0.38 10.05
N GLU A 18 26.56 0.85 9.60
CA GLU A 18 27.04 1.43 8.34
C GLU A 18 28.54 1.61 8.34
N THR A 19 29.09 2.20 9.44
CA THR A 19 30.53 2.40 9.66
C THR A 19 31.26 1.06 9.44
N LEU A 20 30.75 -0.01 10.10
CA LEU A 20 31.32 -1.35 10.00
C LEU A 20 31.30 -1.87 8.55
N ASN A 21 30.23 -1.54 7.77
CA ASN A 21 30.16 -1.97 6.36
C ASN A 21 31.07 -1.16 5.45
N ASP A 22 31.06 0.19 5.61
CA ASP A 22 31.84 1.15 4.84
C ASP A 22 33.30 0.78 4.92
N ASN A 23 33.77 0.47 6.13
CA ASN A 23 35.14 0.06 6.39
C ASN A 23 35.43 -1.37 5.94
N LEU A 24 34.43 -2.30 6.02
CA LEU A 24 34.60 -3.69 5.57
C LEU A 24 34.87 -3.71 4.06
N LYS A 25 34.19 -2.81 3.31
CA LYS A 25 34.32 -2.60 1.86
C LYS A 25 35.71 -2.02 1.53
N VAL A 26 36.27 -1.15 2.42
CA VAL A 26 37.60 -0.54 2.28
C VAL A 26 38.66 -1.64 2.24
N ILE A 27 38.80 -2.39 3.37
CA ILE A 27 39.74 -3.51 3.59
C ILE A 27 39.77 -4.49 2.40
N GLU A 28 38.58 -4.76 1.82
CA GLU A 28 38.35 -5.64 0.68
C GLU A 28 39.13 -5.19 -0.55
N LYS A 29 38.96 -3.91 -0.95
CA LYS A 29 39.59 -3.32 -2.14
C LYS A 29 40.98 -2.75 -1.89
N ALA A 30 41.33 -2.49 -0.61
CA ALA A 30 42.64 -1.96 -0.20
C ALA A 30 43.82 -2.86 -0.65
N ASP A 31 45.02 -2.26 -0.84
CA ASP A 31 46.22 -2.98 -1.28
C ASP A 31 47.35 -3.02 -0.24
N ASN A 32 47.36 -2.08 0.75
CA ASN A 32 48.38 -2.04 1.79
C ASN A 32 47.81 -2.04 3.22
N ALA A 33 48.65 -2.44 4.19
CA ALA A 33 48.35 -2.55 5.63
C ALA A 33 48.02 -1.20 6.35
N ALA A 34 48.32 -0.04 5.73
CA ALA A 34 48.06 1.29 6.31
C ALA A 34 46.57 1.64 6.23
N GLN A 35 45.97 1.39 5.06
CA GLN A 35 44.55 1.61 4.76
C GLN A 35 43.74 0.61 5.57
N VAL A 36 44.18 -0.67 5.56
CA VAL A 36 43.54 -1.79 6.27
C VAL A 36 43.51 -1.52 7.77
N LYS A 37 44.64 -1.14 8.39
CA LYS A 37 44.72 -0.83 9.82
C LYS A 37 43.75 0.31 10.20
N ASP A 38 43.77 1.43 9.43
CA ASP A 38 42.92 2.58 9.68
C ASP A 38 41.43 2.25 9.59
N ALA A 39 41.02 1.47 8.56
CA ALA A 39 39.64 1.01 8.35
C ALA A 39 39.18 0.12 9.52
N LEU A 40 40.11 -0.71 10.05
CA LEU A 40 39.87 -1.58 11.18
C LEU A 40 39.81 -0.79 12.48
N THR A 41 40.57 0.31 12.58
CA THR A 41 40.56 1.21 13.75
C THR A 41 39.18 1.90 13.81
N LYS A 42 38.65 2.32 12.63
CA LYS A 42 37.37 2.99 12.45
C LYS A 42 36.24 2.01 12.81
N MET A 43 36.51 0.71 12.61
CA MET A 43 35.58 -0.36 12.90
C MET A 43 35.48 -0.56 14.40
N ARG A 44 36.61 -0.84 15.07
CA ARG A 44 36.68 -1.07 16.52
C ARG A 44 35.95 -0.05 17.40
N ALA A 45 36.06 1.26 17.08
CA ALA A 45 35.37 2.32 17.85
C ALA A 45 33.87 2.24 17.66
N ALA A 46 33.41 1.86 16.43
CA ALA A 46 32.00 1.72 16.08
C ALA A 46 31.37 0.54 16.82
N ALA A 47 32.12 -0.58 16.93
CA ALA A 47 31.72 -1.79 17.65
C ALA A 47 31.65 -1.50 19.14
N LEU A 48 32.59 -0.66 19.63
CA LEU A 48 32.64 -0.26 21.03
C LEU A 48 31.52 0.71 21.35
N ASP A 49 31.17 1.55 20.36
CA ASP A 49 30.08 2.51 20.45
C ASP A 49 28.76 1.75 20.45
N ALA A 50 28.59 0.80 19.49
CA ALA A 50 27.38 0.01 19.35
C ALA A 50 27.05 -0.83 20.58
N GLN A 51 28.07 -1.14 21.39
CA GLN A 51 27.97 -1.89 22.64
C GLN A 51 27.26 -1.06 23.72
N LYS A 52 27.48 0.27 23.68
CA LYS A 52 26.88 1.26 24.59
C LYS A 52 25.40 1.49 24.24
N ALA A 53 25.03 1.23 22.97
CA ALA A 53 23.67 1.38 22.47
C ALA A 53 22.73 0.40 23.13
N THR A 54 21.45 0.75 23.14
CA THR A 54 20.40 -0.10 23.67
C THR A 54 19.47 -0.32 22.48
N PRO A 55 19.46 -1.55 21.94
CA PRO A 55 18.60 -1.81 20.77
C PRO A 55 17.12 -1.60 21.09
N PRO A 56 16.23 -1.33 20.09
CA PRO A 56 14.80 -1.16 20.41
C PRO A 56 14.20 -2.49 20.89
N LYS A 57 14.68 -3.59 20.28
CA LYS A 57 14.38 -5.01 20.50
C LYS A 57 14.55 -5.44 21.95
N LEU A 58 15.30 -4.66 22.76
CA LEU A 58 15.62 -4.91 24.18
C LEU A 58 15.40 -3.68 25.09
N GLU A 59 14.33 -2.90 24.82
CA GLU A 59 13.98 -1.70 25.59
C GLU A 59 13.52 -2.01 27.03
N ASP A 60 12.76 -3.12 27.21
CA ASP A 60 12.22 -3.56 28.51
C ASP A 60 13.24 -4.26 29.42
N LYS A 61 14.42 -4.62 28.89
CA LYS A 61 15.48 -5.28 29.66
C LYS A 61 16.31 -4.27 30.41
N SER A 62 16.74 -4.63 31.63
CA SER A 62 17.64 -3.83 32.46
C SER A 62 19.09 -4.04 31.92
N PRO A 63 20.07 -3.11 32.11
CA PRO A 63 21.43 -3.36 31.57
C PRO A 63 22.07 -4.65 32.09
N ASP A 64 21.77 -5.01 33.36
CA ASP A 64 22.23 -6.21 34.05
C ASP A 64 21.70 -7.50 33.41
N SER A 65 20.51 -7.43 32.75
CA SER A 65 19.80 -8.54 32.10
C SER A 65 20.68 -9.53 31.33
N PRO A 66 20.35 -10.85 31.34
CA PRO A 66 21.14 -11.81 30.55
C PRO A 66 20.96 -11.59 29.05
N GLU A 67 19.78 -11.03 28.64
CA GLU A 67 19.46 -10.68 27.26
C GLU A 67 20.35 -9.50 26.81
N MET A 68 20.59 -8.52 27.71
CA MET A 68 21.42 -7.34 27.50
C MET A 68 22.93 -7.61 27.48
N LYS A 69 23.46 -8.42 28.42
CA LYS A 69 24.90 -8.74 28.41
C LYS A 69 25.25 -9.69 27.26
N ASP A 70 24.31 -10.58 26.85
CA ASP A 70 24.44 -11.49 25.71
C ASP A 70 24.61 -10.66 24.40
N PHE A 71 24.01 -9.45 24.38
CA PHE A 71 24.08 -8.48 23.28
C PHE A 71 25.47 -7.82 23.27
N ARG A 72 25.90 -7.30 24.46
CA ARG A 72 27.18 -6.62 24.66
C ARG A 72 28.37 -7.54 24.42
N HIS A 73 28.22 -8.85 24.70
CA HIS A 73 29.26 -9.86 24.49
C HIS A 73 29.56 -10.04 23.01
N GLY A 74 28.55 -9.90 22.17
CA GLY A 74 28.70 -9.97 20.73
C GLY A 74 29.69 -8.94 20.26
N PHE A 75 29.63 -7.74 20.83
CA PHE A 75 30.55 -6.66 20.51
C PHE A 75 31.93 -6.95 21.04
N ASP A 76 32.04 -7.74 22.14
CA ASP A 76 33.33 -8.17 22.67
C ASP A 76 33.96 -9.08 21.62
N ILE A 77 33.16 -10.02 21.06
CA ILE A 77 33.55 -10.96 19.99
C ILE A 77 33.95 -10.19 18.72
N LEU A 78 33.07 -9.27 18.24
CA LEU A 78 33.35 -8.46 17.08
C LEU A 78 34.68 -7.69 17.33
N VAL A 79 34.80 -6.90 18.42
CA VAL A 79 36.05 -6.19 18.80
C VAL A 79 37.24 -7.16 18.82
N GLY A 80 37.01 -8.36 19.38
CA GLY A 80 37.99 -9.44 19.47
C GLY A 80 38.55 -9.86 18.13
N GLN A 81 37.67 -9.95 17.12
CA GLN A 81 38.03 -10.31 15.75
C GLN A 81 38.70 -9.13 15.05
N ILE A 82 38.20 -7.89 15.32
CA ILE A 82 38.72 -6.65 14.75
C ILE A 82 40.16 -6.54 15.22
N ASP A 83 40.42 -6.77 16.53
CA ASP A 83 41.75 -6.76 17.14
C ASP A 83 42.62 -7.89 16.58
N ASP A 84 42.03 -9.09 16.31
CA ASP A 84 42.72 -10.26 15.74
C ASP A 84 43.24 -9.93 14.32
N ALA A 85 42.48 -9.10 13.56
CA ALA A 85 42.78 -8.62 12.21
C ALA A 85 43.67 -7.38 12.23
N LEU A 86 43.51 -6.54 13.27
CA LEU A 86 44.24 -5.30 13.53
C LEU A 86 45.67 -5.65 13.96
N LYS A 87 45.84 -6.84 14.59
CA LYS A 87 47.12 -7.40 15.00
C LYS A 87 47.87 -7.82 13.71
N LEU A 88 47.14 -8.46 12.74
CA LEU A 88 47.64 -8.90 11.43
C LEU A 88 47.99 -7.71 10.53
N ALA A 89 47.28 -6.58 10.68
CA ALA A 89 47.55 -5.37 9.91
C ALA A 89 48.80 -4.70 10.47
N ASN A 90 48.98 -4.77 11.82
CA ASN A 90 50.15 -4.23 12.52
C ASN A 90 51.39 -5.14 12.35
N GLU A 91 51.18 -6.35 11.76
CA GLU A 91 52.17 -7.36 11.39
C GLU A 91 52.60 -7.16 9.92
N GLY A 92 51.85 -6.34 9.19
CA GLY A 92 52.08 -6.06 7.78
C GLY A 92 51.50 -7.12 6.85
N LYS A 93 50.98 -8.22 7.44
CA LYS A 93 50.34 -9.35 6.75
C LYS A 93 49.03 -8.88 6.07
N VAL A 94 49.18 -8.27 4.86
CA VAL A 94 48.13 -7.65 4.03
C VAL A 94 47.00 -8.64 3.66
N LYS A 95 47.36 -9.79 3.08
CA LYS A 95 46.39 -10.80 2.67
C LYS A 95 45.71 -11.44 3.90
N GLU A 96 46.48 -11.69 4.98
CA GLU A 96 45.94 -12.28 6.21
C GLU A 96 44.88 -11.37 6.85
N ALA A 97 45.20 -10.06 7.04
CA ALA A 97 44.28 -9.06 7.59
C ALA A 97 43.05 -8.86 6.69
N GLN A 98 43.22 -9.02 5.36
CA GLN A 98 42.16 -8.93 4.37
C GLN A 98 41.12 -10.05 4.60
N ALA A 99 41.59 -11.25 5.00
CA ALA A 99 40.78 -12.44 5.24
C ALA A 99 40.12 -12.41 6.62
N ALA A 100 40.88 -12.08 7.68
CA ALA A 100 40.35 -12.00 9.04
C ALA A 100 39.20 -10.98 9.15
N ALA A 101 39.25 -9.91 8.34
CA ALA A 101 38.19 -8.89 8.32
C ALA A 101 37.04 -9.32 7.43
N GLU A 102 37.27 -10.31 6.55
CA GLU A 102 36.25 -10.83 5.64
C GLU A 102 35.19 -11.62 6.43
N GLN A 103 35.64 -12.42 7.42
CA GLN A 103 34.74 -13.22 8.27
C GLN A 103 33.89 -12.34 9.20
N LEU A 104 34.21 -11.03 9.29
CA LEU A 104 33.48 -10.07 10.09
C LEU A 104 32.09 -9.78 9.51
N LYS A 105 31.89 -10.08 8.19
CA LYS A 105 30.62 -9.93 7.46
C LYS A 105 29.57 -10.85 8.11
N THR A 106 29.98 -12.09 8.44
CA THR A 106 29.18 -13.12 9.09
C THR A 106 28.85 -12.68 10.51
N THR A 107 29.90 -12.29 11.28
CA THR A 107 29.89 -11.79 12.65
C THR A 107 28.93 -10.58 12.82
N ARG A 108 29.01 -9.57 11.91
CA ARG A 108 28.13 -8.41 11.97
C ARG A 108 26.66 -8.78 11.81
N ASN A 109 26.35 -9.85 11.05
CA ASN A 109 24.96 -10.29 10.89
C ASN A 109 24.38 -10.88 12.17
N ALA A 110 25.22 -11.61 12.92
CA ALA A 110 24.81 -12.26 14.15
C ALA A 110 24.75 -11.30 15.32
N TYR A 111 25.59 -10.26 15.31
CA TYR A 111 25.73 -9.36 16.44
C TYR A 111 25.20 -7.95 16.25
N ILE A 112 24.99 -7.51 15.01
CA ILE A 112 24.46 -6.17 14.74
C ILE A 112 23.15 -6.24 13.97
N GLN A 113 23.15 -6.84 12.76
CA GLN A 113 22.03 -6.93 11.84
C GLN A 113 20.67 -7.32 12.50
N LYS A 114 20.69 -8.27 13.45
CA LYS A 114 19.43 -8.68 14.08
C LYS A 114 18.86 -7.65 15.05
N TYR A 115 19.62 -6.63 15.45
CA TYR A 115 19.13 -5.61 16.41
C TYR A 115 18.73 -4.30 15.73
N LEU A 116 18.96 -4.22 14.41
CA LEU A 116 18.66 -3.05 13.61
C LEU A 116 17.18 -2.68 13.74
N PRO A 117 16.86 -1.35 13.69
CA PRO A 117 15.51 -0.86 13.99
C PRO A 117 14.31 -1.69 13.51
N CYS A 118 14.28 -2.03 12.22
CA CYS A 118 13.19 -2.74 11.57
C CYS A 118 12.98 -4.18 12.06
N PHE A 119 13.82 -4.63 12.98
CA PHE A 119 13.70 -5.98 13.52
C PHE A 119 13.05 -5.97 14.91
N ARG A 120 11.76 -6.36 14.93
CA ARG A 120 10.98 -6.50 16.15
C ARG A 120 11.25 -7.91 16.70
N PRO A 121 10.97 -8.22 18.00
CA PRO A 121 11.21 -9.60 18.48
C PRO A 121 10.20 -10.59 17.89
N THR A 122 10.60 -11.89 17.74
CA THR A 122 9.77 -12.98 17.22
C THR A 122 10.14 -14.32 17.83
N ASN A 123 9.10 -15.11 18.16
CA ASN A 123 9.25 -16.46 18.69
C ASN A 123 8.73 -17.42 17.59
N ILE A 124 9.31 -17.24 16.38
CA ILE A 124 9.11 -18.08 15.21
C ILE A 124 10.40 -18.91 15.11
N THR A 125 10.28 -20.23 15.28
CA THR A 125 11.45 -21.09 15.22
C THR A 125 11.93 -21.27 13.79
N LEU A 126 13.21 -21.66 13.64
CA LEU A 126 13.86 -22.00 12.36
C LEU A 126 13.01 -23.08 11.66
N GLU A 127 12.32 -23.92 12.47
CA GLU A 127 11.44 -25.03 12.07
C GLU A 127 10.17 -24.51 11.40
N GLU A 128 9.54 -23.47 11.99
CA GLU A 128 8.31 -22.82 11.49
C GLU A 128 8.60 -22.16 10.16
N ARG A 129 9.72 -21.42 10.08
CA ARG A 129 10.19 -20.72 8.88
C ARG A 129 10.32 -21.67 7.69
N ARG A 130 10.97 -22.85 7.87
CA ARG A 130 11.20 -23.88 6.84
C ARG A 130 9.91 -24.27 6.07
N LEU A 131 8.83 -24.62 6.79
CA LEU A 131 7.57 -25.02 6.17
C LEU A 131 6.75 -23.83 5.62
N ILE A 132 6.78 -22.65 6.30
CA ILE A 132 6.10 -21.42 5.86
C ILE A 132 6.74 -20.90 4.54
N ALA A 133 8.08 -21.08 4.39
CA ALA A 133 8.85 -20.70 3.19
C ALA A 133 8.31 -21.44 1.96
N SER A 134 7.76 -20.66 1.02
CA SER A 134 7.16 -21.15 -0.23
C SER A 134 7.34 -20.12 -1.36
N PRO A 135 8.56 -20.01 -1.96
CA PRO A 135 8.76 -19.03 -3.03
C PRO A 135 7.91 -19.33 -4.27
N TRP A 136 7.81 -20.61 -4.60
CA TRP A 136 7.08 -21.08 -5.76
C TRP A 136 5.61 -20.81 -5.73
N PHE A 137 4.99 -20.81 -4.53
CA PHE A 137 3.57 -20.49 -4.37
C PHE A 137 3.38 -18.94 -4.47
N ALA A 138 4.31 -18.21 -3.81
CA ALA A 138 4.31 -16.75 -3.80
C ALA A 138 4.43 -16.25 -5.22
N ALA A 139 5.36 -16.87 -6.00
CA ALA A 139 5.61 -16.59 -7.41
C ALA A 139 4.35 -16.85 -8.23
N SER A 140 3.71 -18.02 -8.02
CA SER A 140 2.50 -18.45 -8.69
C SER A 140 1.40 -17.41 -8.51
N PHE A 141 1.15 -17.01 -7.25
CA PHE A 141 0.15 -16.03 -6.88
C PHE A 141 0.44 -14.66 -7.51
N CYS A 142 1.70 -14.25 -7.49
CA CYS A 142 2.24 -13.04 -8.06
C CYS A 142 1.98 -13.01 -9.58
N VAL A 143 2.41 -14.07 -10.31
CA VAL A 143 2.23 -14.31 -11.76
C VAL A 143 0.75 -14.24 -12.17
N VAL A 144 -0.13 -14.87 -11.37
CA VAL A 144 -1.59 -14.87 -11.53
C VAL A 144 -2.07 -13.42 -11.47
N GLY A 145 -1.61 -12.67 -10.45
CA GLY A 145 -1.96 -11.27 -10.28
C GLY A 145 -1.56 -10.40 -11.45
N LEU A 146 -0.29 -10.52 -11.91
CA LEU A 146 0.29 -9.80 -13.04
C LEU A 146 -0.44 -10.12 -14.34
N ALA A 147 -0.54 -11.42 -14.67
CA ALA A 147 -1.25 -11.90 -15.85
C ALA A 147 -2.65 -11.22 -15.92
N SER A 148 -3.47 -11.31 -14.82
CA SER A 148 -4.81 -10.71 -14.69
C SER A 148 -4.80 -9.24 -15.08
N ASN A 149 -3.86 -8.47 -14.48
CA ASN A 149 -3.73 -7.04 -14.72
C ASN A 149 -3.37 -6.77 -16.18
N LEU A 150 -2.36 -7.51 -16.71
CA LEU A 150 -1.98 -7.40 -18.12
C LEU A 150 -3.18 -7.71 -19.04
N LEU A 151 -4.02 -8.66 -18.62
CA LEU A 151 -5.24 -9.01 -19.32
C LEU A 151 -6.23 -7.83 -19.27
N ALA A 152 -6.33 -7.13 -18.13
CA ALA A 152 -7.25 -6.00 -18.04
C ALA A 152 -6.79 -4.92 -19.00
N LEU A 153 -5.47 -4.59 -19.01
CA LEU A 153 -4.88 -3.57 -19.90
C LEU A 153 -5.08 -3.98 -21.35
N SER A 154 -4.97 -5.30 -21.65
CA SER A 154 -5.20 -5.87 -22.98
C SER A 154 -6.65 -5.49 -23.43
N VAL A 155 -7.65 -5.80 -22.58
CA VAL A 155 -9.08 -5.48 -22.79
C VAL A 155 -9.27 -3.96 -22.93
N LEU A 156 -8.61 -3.18 -22.06
CA LEU A 156 -8.67 -1.72 -22.05
C LEU A 156 -8.13 -1.13 -23.34
N ALA A 157 -7.07 -1.74 -23.89
CA ALA A 157 -6.42 -1.33 -25.13
C ALA A 157 -7.38 -1.37 -26.32
N GLY A 158 -8.28 -2.35 -26.33
CA GLY A 158 -9.30 -2.52 -27.36
C GLY A 158 -10.48 -1.57 -27.20
N ALA A 159 -10.92 -1.36 -25.94
CA ALA A 159 -12.03 -0.47 -25.55
C ALA A 159 -11.69 1.02 -25.72
N ARG A 160 -10.50 1.46 -25.24
CA ARG A 160 -10.04 2.85 -25.30
C ARG A 160 -8.58 2.95 -25.82
N ARG A 167 -11.08 6.77 -23.70
CA ARG A 167 -11.26 8.22 -23.74
C ARG A 167 -12.05 8.81 -22.50
N SER A 168 -12.73 7.92 -21.70
CA SER A 168 -13.51 8.26 -20.50
C SER A 168 -12.63 8.67 -19.32
N SER A 169 -13.18 9.49 -18.40
CA SER A 169 -12.50 9.91 -17.15
C SER A 169 -12.47 8.69 -16.25
N PHE A 170 -13.54 7.88 -16.28
CA PHE A 170 -13.70 6.65 -15.52
C PHE A 170 -12.61 5.66 -15.86
N LEU A 171 -12.49 5.39 -17.16
CA LEU A 171 -11.51 4.47 -17.71
C LEU A 171 -10.07 4.85 -17.41
N THR A 172 -9.81 6.15 -17.23
CA THR A 172 -8.50 6.69 -16.89
C THR A 172 -8.13 6.20 -15.48
N PHE A 173 -9.08 6.30 -14.53
CA PHE A 173 -8.94 5.84 -13.15
C PHE A 173 -8.90 4.33 -13.12
N LEU A 174 -9.68 3.66 -14.00
CA LEU A 174 -9.68 2.20 -14.06
C LEU A 174 -8.30 1.73 -14.51
N CYS A 175 -7.72 2.42 -15.51
CA CYS A 175 -6.39 2.14 -16.04
C CYS A 175 -5.35 2.36 -14.99
N GLY A 176 -5.46 3.47 -14.26
CA GLY A 176 -4.58 3.86 -13.16
C GLY A 176 -4.56 2.81 -12.06
N LEU A 177 -5.76 2.32 -11.68
CA LEU A 177 -6.02 1.28 -10.66
C LEU A 177 -5.47 -0.08 -11.09
N VAL A 178 -5.61 -0.47 -12.37
CA VAL A 178 -5.07 -1.72 -12.93
C VAL A 178 -3.53 -1.64 -12.98
N LEU A 179 -2.99 -0.48 -13.36
CA LEU A 179 -1.56 -0.20 -13.47
C LEU A 179 -0.92 -0.11 -12.12
N THR A 180 -1.68 0.37 -11.11
CA THR A 180 -1.21 0.49 -9.74
C THR A 180 -1.10 -0.90 -9.16
N ASP A 181 -2.12 -1.74 -9.37
CA ASP A 181 -2.18 -3.13 -8.92
C ASP A 181 -1.04 -3.99 -9.49
N PHE A 182 -0.78 -3.87 -10.81
CA PHE A 182 0.27 -4.59 -11.51
C PHE A 182 1.62 -4.32 -10.89
N LEU A 183 2.04 -3.04 -10.76
CA LEU A 183 3.33 -2.64 -10.17
C LEU A 183 3.41 -3.03 -8.70
N GLY A 184 2.27 -2.96 -7.99
CA GLY A 184 2.12 -3.35 -6.61
C GLY A 184 2.49 -4.81 -6.42
N LEU A 185 1.85 -5.68 -7.21
CA LEU A 185 2.09 -7.13 -7.16
C LEU A 185 3.49 -7.45 -7.62
N LEU A 186 3.99 -6.75 -8.66
CA LEU A 186 5.35 -6.97 -9.16
C LEU A 186 6.45 -6.56 -8.18
N VAL A 187 6.40 -5.34 -7.61
CA VAL A 187 7.47 -4.89 -6.70
C VAL A 187 7.43 -5.65 -5.38
N THR A 188 6.26 -5.71 -4.71
CA THR A 188 6.11 -6.44 -3.44
C THR A 188 6.30 -7.94 -3.65
N GLY A 189 5.73 -8.48 -4.73
CA GLY A 189 5.88 -9.89 -5.07
C GLY A 189 7.34 -10.32 -5.13
N THR A 190 8.17 -9.56 -5.87
CA THR A 190 9.60 -9.81 -6.01
C THR A 190 10.30 -9.90 -4.64
N ILE A 191 10.02 -8.94 -3.70
CA ILE A 191 10.62 -8.88 -2.35
C ILE A 191 10.20 -10.13 -1.62
N VAL A 192 8.88 -10.35 -1.54
CA VAL A 192 8.20 -11.46 -0.88
C VAL A 192 8.70 -12.83 -1.36
N VAL A 193 8.82 -13.03 -2.68
CA VAL A 193 9.31 -14.29 -3.27
C VAL A 193 10.75 -14.53 -2.83
N SER A 194 11.62 -13.48 -2.91
CA SER A 194 13.04 -13.53 -2.52
C SER A 194 13.19 -13.95 -1.06
N GLN A 195 12.32 -13.44 -0.19
CA GLN A 195 12.25 -13.75 1.24
C GLN A 195 11.91 -15.21 1.47
N HIS A 196 10.89 -15.73 0.77
CA HIS A 196 10.47 -17.12 0.85
C HIS A 196 11.61 -18.01 0.34
N ALA A 197 12.28 -17.57 -0.74
CA ALA A 197 13.42 -18.24 -1.34
C ALA A 197 14.63 -18.25 -0.39
N ALA A 198 14.79 -17.18 0.44
CA ALA A 198 15.87 -16.98 1.42
C ALA A 198 15.48 -17.42 2.84
N LEU A 199 14.29 -18.08 2.98
CA LEU A 199 13.72 -18.58 4.25
C LEU A 199 13.62 -17.49 5.33
N PHE A 200 13.21 -16.29 4.91
CA PHE A 200 12.96 -15.06 5.68
C PHE A 200 14.21 -14.47 6.37
N GLU A 201 15.40 -14.89 5.88
CA GLU A 201 16.69 -14.38 6.34
C GLU A 201 17.01 -13.12 5.52
N TRP A 202 16.71 -11.92 6.07
CA TRP A 202 16.88 -10.63 5.40
C TRP A 202 18.27 -10.33 4.92
N HIS A 203 19.29 -10.63 5.72
CA HIS A 203 20.69 -10.38 5.36
C HIS A 203 21.09 -11.03 4.03
N ALA A 204 20.41 -12.15 3.67
CA ALA A 204 20.65 -12.94 2.47
C ALA A 204 20.35 -12.13 1.23
N VAL A 205 19.18 -11.48 1.25
CA VAL A 205 18.62 -10.61 0.22
C VAL A 205 19.34 -9.25 0.29
N ASP A 206 19.15 -8.52 1.40
CA ASP A 206 19.74 -7.22 1.63
C ASP A 206 20.12 -7.06 3.12
N PRO A 207 21.42 -7.00 3.51
CA PRO A 207 21.74 -6.78 4.92
C PRO A 207 21.44 -5.31 5.26
N GLY A 208 20.70 -5.11 6.35
CA GLY A 208 20.28 -3.80 6.81
C GLY A 208 18.77 -3.63 6.81
N CYS A 209 18.32 -2.42 7.10
CA CYS A 209 16.88 -2.11 7.14
C CYS A 209 16.35 -1.37 5.90
N ARG A 210 17.22 -1.05 4.92
CA ARG A 210 16.91 -0.29 3.70
C ARG A 210 15.82 -0.91 2.82
N LEU A 211 15.93 -2.22 2.50
CA LEU A 211 14.97 -2.98 1.67
C LEU A 211 13.67 -3.11 2.38
N CYS A 212 13.75 -3.29 3.72
CA CYS A 212 12.60 -3.39 4.57
C CYS A 212 11.86 -2.06 4.59
N ARG A 213 12.60 -0.95 4.70
CA ARG A 213 11.99 0.37 4.69
C ARG A 213 11.39 0.69 3.35
N PHE A 214 12.13 0.38 2.24
CA PHE A 214 11.61 0.53 0.88
C PHE A 214 10.32 -0.26 0.80
N MET A 215 10.34 -1.53 1.29
CA MET A 215 9.15 -2.35 1.21
C MET A 215 7.97 -1.77 1.97
N GLY A 216 8.24 -1.12 3.11
CA GLY A 216 7.18 -0.47 3.89
C GLY A 216 6.51 0.65 3.11
N VAL A 217 7.31 1.53 2.45
CA VAL A 217 6.81 2.67 1.66
C VAL A 217 6.01 2.17 0.49
N VAL A 218 6.54 1.17 -0.21
CA VAL A 218 5.89 0.49 -1.32
C VAL A 218 4.54 -0.12 -0.87
N MET A 219 4.47 -0.66 0.36
CA MET A 219 3.25 -1.28 0.91
C MET A 219 2.16 -0.23 1.12
N ILE A 220 2.51 0.94 1.68
CA ILE A 220 1.59 2.04 1.94
C ILE A 220 1.20 2.67 0.63
N PHE A 221 2.17 2.83 -0.28
CA PHE A 221 1.88 3.37 -1.60
C PHE A 221 0.84 2.50 -2.32
N PHE A 222 1.13 1.19 -2.49
CA PHE A 222 0.24 0.22 -3.15
C PHE A 222 -0.93 -0.23 -2.27
N GLY A 223 -0.98 0.27 -1.04
CA GLY A 223 -2.09 0.00 -0.13
C GLY A 223 -3.17 1.02 -0.38
N LEU A 224 -2.86 2.28 -0.02
CA LEU A 224 -3.73 3.43 -0.18
C LEU A 224 -4.13 3.75 -1.61
N SER A 225 -3.20 3.63 -2.60
CA SER A 225 -3.51 3.97 -4.00
C SER A 225 -4.79 3.27 -4.55
N PRO A 226 -4.92 1.89 -4.62
CA PRO A 226 -6.17 1.29 -5.12
C PRO A 226 -7.45 1.69 -4.37
N LEU A 227 -7.30 2.15 -3.10
CA LEU A 227 -8.39 2.61 -2.26
C LEU A 227 -8.79 4.03 -2.65
N LEU A 228 -7.80 4.91 -2.79
CA LEU A 228 -8.04 6.30 -3.17
C LEU A 228 -8.53 6.39 -4.60
N LEU A 229 -7.98 5.56 -5.51
CA LEU A 229 -8.39 5.51 -6.91
C LEU A 229 -9.79 4.90 -7.03
N GLY A 230 -10.12 3.98 -6.11
CA GLY A 230 -11.45 3.38 -6.04
C GLY A 230 -12.49 4.43 -5.69
N ALA A 231 -12.10 5.35 -4.75
CA ALA A 231 -12.88 6.48 -4.28
C ALA A 231 -12.98 7.54 -5.37
N ALA A 232 -11.88 7.76 -6.13
CA ALA A 232 -11.82 8.68 -7.27
C ALA A 232 -12.86 8.27 -8.33
N MET A 233 -12.97 6.94 -8.62
CA MET A 233 -13.91 6.34 -9.56
C MET A 233 -15.35 6.52 -9.09
N ALA A 234 -15.58 6.37 -7.76
CA ALA A 234 -16.89 6.52 -7.13
C ALA A 234 -17.41 7.97 -7.29
N SER A 235 -16.45 8.94 -7.26
CA SER A 235 -16.63 10.38 -7.44
C SER A 235 -16.84 10.72 -8.93
N GLU A 236 -16.15 10.03 -9.89
CA GLU A 236 -16.38 10.24 -11.33
C GLU A 236 -17.82 9.85 -11.62
N ARG A 237 -18.24 8.66 -11.13
CA ARG A 237 -19.60 8.16 -11.29
C ARG A 237 -20.57 9.12 -10.65
N TYR A 238 -20.35 9.53 -9.38
CA TYR A 238 -21.24 10.47 -8.72
C TYR A 238 -21.43 11.76 -9.52
N LEU A 239 -20.34 12.47 -9.85
CA LEU A 239 -20.44 13.71 -10.61
C LEU A 239 -21.05 13.51 -12.01
N GLY A 240 -20.53 12.53 -12.77
CA GLY A 240 -20.99 12.22 -14.12
C GLY A 240 -22.45 11.83 -14.27
N ILE A 241 -23.03 11.30 -13.19
CA ILE A 241 -24.42 10.85 -13.10
C ILE A 241 -25.31 11.97 -12.54
N THR A 242 -24.92 12.56 -11.38
CA THR A 242 -25.72 13.59 -10.72
C THR A 242 -25.69 14.90 -11.51
N ARG A 243 -24.51 15.32 -11.98
CA ARG A 243 -24.36 16.55 -12.76
C ARG A 243 -24.63 16.18 -14.23
N PRO A 244 -25.04 17.13 -15.14
CA PRO A 244 -25.30 16.74 -16.54
C PRO A 244 -24.27 15.79 -17.16
N PHE A 245 -24.74 14.80 -17.94
CA PHE A 245 -23.84 13.85 -18.61
C PHE A 245 -23.16 14.51 -19.84
N SER A 246 -22.22 15.42 -19.53
CA SER A 246 -21.40 16.18 -20.46
C SER A 246 -20.01 15.53 -20.33
N ARG A 247 -19.57 14.80 -21.38
CA ARG A 247 -18.28 14.08 -21.37
C ARG A 247 -17.22 14.67 -22.34
N PRO A 248 -16.67 15.91 -22.10
CA PRO A 248 -15.65 16.43 -23.02
C PRO A 248 -14.30 15.80 -22.72
N ALA A 249 -14.08 14.57 -23.26
CA ALA A 249 -12.85 13.76 -23.13
C ALA A 249 -11.62 14.59 -23.55
N VAL A 250 -10.40 14.10 -23.31
CA VAL A 250 -9.12 14.81 -23.58
C VAL A 250 -8.86 15.73 -22.42
N ALA A 251 -9.86 16.56 -22.06
CA ALA A 251 -9.86 17.48 -20.95
C ALA A 251 -10.18 16.67 -19.73
N SER A 252 -11.29 15.91 -19.80
CA SER A 252 -11.75 15.03 -18.74
C SER A 252 -10.73 13.95 -18.43
N GLN A 253 -10.01 13.44 -19.45
CA GLN A 253 -8.96 12.44 -19.30
C GLN A 253 -7.71 13.08 -18.65
N ARG A 254 -7.42 14.35 -18.98
CA ARG A 254 -6.29 15.07 -18.41
C ARG A 254 -6.57 15.33 -16.95
N ARG A 255 -7.77 15.86 -16.65
CA ARG A 255 -8.23 16.10 -15.29
C ARG A 255 -8.11 14.80 -14.47
N ALA A 256 -8.48 13.64 -15.07
CA ALA A 256 -8.42 12.30 -14.47
C ALA A 256 -7.03 11.75 -14.28
N TRP A 257 -6.13 11.90 -15.26
CA TRP A 257 -4.77 11.43 -15.06
C TRP A 257 -4.08 12.28 -13.99
N ALA A 258 -4.33 13.62 -14.00
CA ALA A 258 -3.79 14.57 -13.03
C ALA A 258 -4.23 14.17 -11.61
N THR A 259 -5.53 13.80 -11.43
CA THR A 259 -6.06 13.31 -10.17
C THR A 259 -5.33 12.04 -9.75
N VAL A 260 -5.09 11.06 -10.70
CA VAL A 260 -4.34 9.80 -10.45
C VAL A 260 -2.92 10.14 -9.91
N GLY A 261 -2.22 11.05 -10.60
CA GLY A 261 -0.91 11.52 -10.18
C GLY A 261 -0.95 12.12 -8.78
N LEU A 262 -2.00 12.92 -8.44
CA LEU A 262 -2.17 13.49 -7.09
C LEU A 262 -2.42 12.37 -6.09
N VAL A 263 -3.26 11.40 -6.49
CA VAL A 263 -3.58 10.25 -5.66
C VAL A 263 -2.29 9.52 -5.30
N TRP A 264 -1.42 9.26 -6.31
CA TRP A 264 -0.12 8.64 -6.10
C TRP A 264 0.81 9.47 -5.22
N ALA A 265 0.91 10.78 -5.51
CA ALA A 265 1.74 11.71 -4.74
C ALA A 265 1.32 11.70 -3.27
N ALA A 266 -0.01 11.74 -2.97
CA ALA A 266 -0.56 11.71 -1.61
C ALA A 266 -0.25 10.38 -0.94
N ALA A 267 -0.33 9.27 -1.72
CA ALA A 267 -0.07 7.90 -1.24
C ALA A 267 1.42 7.66 -0.97
N LEU A 268 2.31 8.32 -1.73
CA LEU A 268 3.73 8.20 -1.52
C LEU A 268 4.10 9.05 -0.30
N ALA A 269 3.59 10.30 -0.24
CA ALA A 269 3.76 11.24 0.87
C ALA A 269 3.39 10.61 2.22
N LEU A 270 2.33 9.79 2.26
CA LEU A 270 1.97 9.12 3.49
C LEU A 270 2.93 7.95 3.79
N GLY A 271 3.26 7.13 2.77
CA GLY A 271 4.26 6.08 2.89
C GLY A 271 5.62 6.60 3.35
N LEU A 272 5.88 7.90 3.10
CA LEU A 272 7.09 8.59 3.50
C LEU A 272 7.08 9.06 4.97
N LEU A 273 5.92 9.02 5.67
CA LEU A 273 5.85 9.46 7.06
C LEU A 273 6.71 8.63 8.00
N PRO A 274 6.70 7.27 8.02
CA PRO A 274 7.59 6.55 8.95
C PRO A 274 9.07 6.89 8.80
N LEU A 275 9.44 7.42 7.65
CA LEU A 275 10.79 7.86 7.37
C LEU A 275 11.04 9.18 8.10
N LEU A 276 10.02 10.06 8.15
CA LEU A 276 10.07 11.36 8.82
C LEU A 276 9.85 11.26 10.35
N GLY A 277 9.75 10.03 10.84
CA GLY A 277 9.54 9.76 12.25
C GLY A 277 8.09 9.65 12.70
N VAL A 278 7.12 9.72 11.76
CA VAL A 278 5.72 9.52 12.11
C VAL A 278 5.40 8.10 11.70
N GLY A 279 5.56 7.20 12.66
CA GLY A 279 5.33 5.78 12.41
C GLY A 279 6.66 5.09 12.26
N ARG A 280 6.62 3.78 11.91
CA ARG A 280 7.82 2.95 11.77
C ARG A 280 7.61 1.75 10.84
N TYR A 281 8.61 1.42 10.01
CA TYR A 281 8.56 0.22 9.20
C TYR A 281 9.46 -0.82 9.85
N THR A 282 8.86 -2.00 10.11
CA THR A 282 9.46 -3.17 10.73
C THR A 282 8.97 -4.41 10.00
N VAL A 283 9.82 -5.47 10.01
CA VAL A 283 9.54 -6.75 9.39
C VAL A 283 8.40 -7.38 10.13
N GLN A 284 7.47 -7.96 9.41
CA GLN A 284 6.27 -8.56 9.98
C GLN A 284 6.29 -10.05 9.74
N TYR A 285 5.61 -10.81 10.63
CA TYR A 285 5.48 -12.27 10.52
C TYR A 285 4.85 -12.62 9.12
N PRO A 286 5.36 -13.62 8.37
CA PRO A 286 6.41 -14.61 8.73
C PRO A 286 7.86 -14.14 8.59
N GLY A 287 8.03 -12.93 8.04
CA GLY A 287 9.33 -12.33 7.83
C GLY A 287 9.59 -12.08 6.37
N SER A 288 8.53 -12.27 5.57
CA SER A 288 8.51 -12.12 4.12
C SER A 288 8.20 -10.69 3.69
N TRP A 289 7.90 -9.78 4.66
CA TRP A 289 7.49 -8.40 4.37
C TRP A 289 7.57 -7.39 5.54
N CYS A 290 7.57 -6.09 5.22
CA CYS A 290 7.56 -4.98 6.17
C CYS A 290 6.31 -4.17 6.08
N PHE A 291 5.93 -3.53 7.18
CA PHE A 291 4.74 -2.69 7.21
C PHE A 291 4.83 -1.70 8.37
N LEU A 292 3.83 -0.79 8.48
CA LEU A 292 3.71 0.15 9.59
C LEU A 292 3.67 -0.69 10.86
N THR A 293 4.39 -0.25 11.90
CA THR A 293 4.51 -1.01 13.14
C THR A 293 3.21 -0.91 13.93
N LEU A 294 2.60 -2.06 14.27
CA LEU A 294 1.33 -2.07 15.00
C LEU A 294 1.57 -1.92 16.51
N GLY A 295 2.21 -0.83 16.90
CA GLY A 295 2.52 -0.58 18.29
C GLY A 295 1.58 0.37 18.98
N ALA A 296 1.92 0.71 20.22
CA ALA A 296 1.15 1.64 21.04
C ALA A 296 1.82 3.03 21.04
N GLU A 297 3.10 3.13 20.52
CA GLU A 297 3.89 4.38 20.43
C GLU A 297 3.09 5.45 19.67
N SER A 298 3.09 6.71 20.19
CA SER A 298 2.34 7.86 19.68
C SER A 298 2.29 7.93 18.16
N GLY A 299 3.45 7.79 17.52
CA GLY A 299 3.63 7.77 16.08
C GLY A 299 2.92 6.61 15.42
N ASP A 300 3.14 5.37 15.96
CA ASP A 300 2.54 4.10 15.50
C ASP A 300 1.04 4.20 15.50
N VAL A 301 0.49 4.84 16.55
CA VAL A 301 -0.95 5.08 16.67
C VAL A 301 -1.43 6.09 15.60
N ALA A 302 -0.74 7.24 15.48
CA ALA A 302 -1.06 8.29 14.52
C ALA A 302 -1.02 7.76 13.07
N PHE A 303 0.03 7.00 12.73
CA PHE A 303 0.20 6.47 11.40
C PHE A 303 -0.75 5.33 11.09
N GLY A 304 -0.97 4.47 12.09
CA GLY A 304 -1.88 3.35 11.96
C GLY A 304 -3.29 3.82 11.67
N LEU A 305 -3.75 4.82 12.44
CA LEU A 305 -5.07 5.40 12.29
C LEU A 305 -5.13 6.21 11.01
N LEU A 306 -4.10 7.01 10.70
CA LEU A 306 -4.07 7.76 9.44
C LEU A 306 -4.31 6.81 8.25
N PHE A 307 -3.58 5.67 8.20
CA PHE A 307 -3.71 4.67 7.14
C PHE A 307 -5.09 4.04 7.10
N SER A 308 -5.57 3.50 8.23
CA SER A 308 -6.88 2.85 8.33
C SER A 308 -8.07 3.82 8.12
N MET A 309 -8.00 5.05 8.67
CA MET A 309 -9.02 6.10 8.52
C MET A 309 -9.13 6.46 7.05
N LEU A 310 -7.98 6.68 6.37
CA LEU A 310 -7.93 7.02 4.95
C LEU A 310 -8.49 5.95 4.04
N GLY A 311 -8.09 4.70 4.27
CA GLY A 311 -8.59 3.55 3.50
C GLY A 311 -10.08 3.34 3.76
N GLY A 312 -10.45 3.38 5.04
CA GLY A 312 -11.82 3.23 5.52
C GLY A 312 -12.74 4.30 4.98
N LEU A 313 -12.33 5.57 5.12
CA LEU A 313 -13.08 6.70 4.59
C LEU A 313 -13.23 6.60 3.10
N SER A 314 -12.15 6.14 2.36
CA SER A 314 -12.13 5.91 0.91
C SER A 314 -13.22 4.93 0.52
N VAL A 315 -13.31 3.79 1.23
CA VAL A 315 -14.32 2.76 1.03
C VAL A 315 -15.71 3.27 1.45
N GLY A 316 -15.76 4.07 2.52
CA GLY A 316 -16.97 4.66 3.07
C GLY A 316 -17.62 5.60 2.08
N LEU A 317 -16.86 6.61 1.68
CA LEU A 317 -17.19 7.62 0.67
C LEU A 317 -17.59 6.94 -0.64
N SER A 318 -16.90 5.87 -1.05
CA SER A 318 -17.24 5.09 -2.23
C SER A 318 -18.64 4.50 -2.11
N PHE A 319 -19.03 4.03 -0.91
CA PHE A 319 -20.35 3.47 -0.65
C PHE A 319 -21.44 4.55 -0.69
N LEU A 320 -21.20 5.67 0.03
CA LEU A 320 -22.12 6.79 0.11
C LEU A 320 -22.45 7.29 -1.30
N LEU A 321 -21.41 7.64 -2.10
CA LEU A 321 -21.56 8.14 -3.48
C LEU A 321 -22.30 7.17 -4.41
N ASN A 322 -21.77 5.93 -4.52
CA ASN A 322 -22.29 4.84 -5.36
C ASN A 322 -23.74 4.50 -5.15
N THR A 323 -24.23 4.53 -3.90
CA THR A 323 -25.63 4.26 -3.60
C THR A 323 -26.47 5.38 -4.20
N VAL A 324 -26.03 6.66 -4.00
CA VAL A 324 -26.69 7.84 -4.57
C VAL A 324 -26.67 7.80 -6.12
N SER A 325 -25.54 7.40 -6.74
CA SER A 325 -25.40 7.29 -8.20
C SER A 325 -26.30 6.17 -8.75
N VAL A 326 -26.43 5.04 -8.01
CA VAL A 326 -27.28 3.94 -8.44
C VAL A 326 -28.71 4.44 -8.29
N ALA A 327 -29.00 5.10 -7.14
CA ALA A 327 -30.31 5.69 -6.84
C ALA A 327 -30.74 6.64 -7.94
N THR A 328 -29.79 7.41 -8.49
CA THR A 328 -30.07 8.35 -9.56
C THR A 328 -30.26 7.61 -10.89
N LEU A 329 -29.45 6.57 -11.16
CA LEU A 329 -29.56 5.79 -12.39
C LEU A 329 -30.86 5.00 -12.46
N CYS A 330 -31.32 4.48 -11.31
CA CYS A 330 -32.57 3.72 -11.25
C CYS A 330 -33.79 4.61 -11.41
N HIS A 331 -33.76 5.81 -10.79
CA HIS A 331 -34.86 6.78 -10.86
C HIS A 331 -34.98 7.33 -12.28
N VAL A 332 -33.84 7.67 -12.91
CA VAL A 332 -33.69 8.28 -14.22
C VAL A 332 -33.80 7.29 -15.40
N TYR A 333 -33.12 6.12 -15.35
CA TYR A 333 -33.18 5.16 -16.47
C TYR A 333 -34.49 4.34 -16.47
N HIS A 334 -35.54 4.85 -15.82
CA HIS A 334 -36.86 4.24 -15.72
C HIS A 334 -37.97 5.29 -15.71
N GLY A 335 -39.00 5.04 -16.53
CA GLY A 335 -40.15 5.92 -16.60
C GLY A 335 -40.20 6.84 -17.81
N MET A 336 -40.86 8.00 -17.64
CA MET A 336 -41.03 9.04 -18.67
C MET A 336 -39.71 9.70 -19.06
N LYS A 337 -39.70 10.45 -20.17
CA LYS A 337 -38.48 11.12 -20.65
C LYS A 337 -38.08 12.25 -19.71
N LYS A 338 -37.04 12.01 -18.92
CA LYS A 338 -36.53 13.00 -17.98
C LYS A 338 -35.54 13.94 -18.71
N TYR A 339 -35.53 15.22 -18.30
CA TYR A 339 -34.65 16.26 -18.83
C TYR A 339 -33.97 16.88 -17.65
N THR A 340 -32.66 17.02 -17.70
CA THR A 340 -31.95 17.63 -16.58
C THR A 340 -31.55 19.05 -16.93
N CYS A 341 -31.52 19.94 -15.92
CA CYS A 341 -31.06 21.31 -16.10
C CYS A 341 -29.54 21.23 -16.23
N THR A 342 -28.98 21.73 -17.34
CA THR A 342 -27.53 21.67 -17.53
C THR A 342 -26.81 22.76 -16.74
N VAL A 343 -27.54 23.51 -15.90
CA VAL A 343 -26.98 24.56 -15.04
C VAL A 343 -26.90 24.10 -13.57
N CYS A 344 -27.96 23.45 -13.03
CA CYS A 344 -27.94 23.00 -11.63
C CYS A 344 -28.23 21.50 -11.48
N GLY A 345 -28.29 20.78 -12.59
CA GLY A 345 -28.54 19.34 -12.60
C GLY A 345 -29.97 18.90 -12.33
N TYR A 346 -30.90 19.86 -11.95
CA TYR A 346 -32.33 19.62 -11.63
C TYR A 346 -32.97 18.69 -12.66
N ILE A 347 -33.32 17.46 -12.24
CA ILE A 347 -33.95 16.52 -13.15
C ILE A 347 -35.44 16.80 -13.13
N TYR A 348 -35.98 17.25 -14.31
CA TYR A 348 -37.41 17.52 -14.54
C TYR A 348 -38.05 16.18 -14.76
N ASN A 349 -38.88 15.76 -13.81
CA ASN A 349 -39.56 14.48 -13.89
C ASN A 349 -40.98 14.75 -14.27
N PRO A 350 -41.39 14.35 -15.51
CA PRO A 350 -42.78 14.59 -15.97
C PRO A 350 -43.80 14.05 -14.97
N GLU A 351 -43.44 12.90 -14.38
CA GLU A 351 -44.09 12.09 -13.36
C GLU A 351 -44.51 12.96 -12.17
N ASP A 352 -43.68 13.96 -11.78
CA ASP A 352 -43.91 14.92 -10.69
C ASP A 352 -44.43 16.28 -11.20
N GLY A 353 -43.85 16.75 -12.30
CA GLY A 353 -44.11 18.06 -12.91
C GLY A 353 -43.40 19.16 -12.15
N ASP A 354 -44.11 20.28 -11.97
CA ASP A 354 -43.76 21.49 -11.21
C ASP A 354 -45.13 22.11 -10.92
N PRO A 355 -46.02 21.43 -10.15
CA PRO A 355 -47.39 21.93 -9.98
C PRO A 355 -47.50 23.30 -9.33
N ASP A 356 -46.50 23.65 -8.50
CA ASP A 356 -46.40 24.94 -7.82
C ASP A 356 -46.22 26.06 -8.85
N ASN A 357 -45.66 25.71 -10.05
CA ASN A 357 -45.48 26.64 -11.17
C ASN A 357 -46.37 26.24 -12.39
N GLY A 358 -47.56 25.70 -12.09
CA GLY A 358 -48.59 25.32 -13.06
C GLY A 358 -48.34 24.17 -14.01
N VAL A 359 -47.29 23.37 -13.75
CA VAL A 359 -46.90 22.21 -14.55
C VAL A 359 -47.32 20.94 -13.81
N ASN A 360 -48.63 20.68 -13.75
CA ASN A 360 -49.23 19.53 -13.05
C ASN A 360 -48.58 18.19 -13.41
N PRO A 361 -48.52 17.18 -12.49
CA PRO A 361 -47.86 15.91 -12.81
C PRO A 361 -48.42 15.21 -14.04
N GLY A 362 -47.49 14.71 -14.84
CA GLY A 362 -47.76 14.02 -16.09
C GLY A 362 -47.42 14.86 -17.31
N THR A 363 -46.95 16.11 -17.10
CA THR A 363 -46.58 17.03 -18.18
C THR A 363 -45.25 16.65 -18.78
N ASP A 364 -45.27 16.31 -20.07
CA ASP A 364 -44.10 15.98 -20.85
C ASP A 364 -43.33 17.26 -21.01
N PHE A 365 -42.00 17.15 -21.07
CA PHE A 365 -41.17 18.32 -21.22
C PHE A 365 -41.56 19.09 -22.50
N LYS A 366 -41.82 18.34 -23.59
CA LYS A 366 -42.27 18.83 -24.88
C LYS A 366 -43.55 19.65 -24.76
N ASP A 367 -44.25 19.58 -23.60
CA ASP A 367 -45.51 20.28 -23.39
C ASP A 367 -45.43 21.45 -22.39
N ILE A 368 -44.24 21.81 -21.92
CA ILE A 368 -44.12 22.91 -20.97
C ILE A 368 -43.89 24.21 -21.77
N PRO A 369 -44.52 25.37 -21.45
CA PRO A 369 -44.24 26.60 -22.23
C PRO A 369 -42.81 27.11 -22.03
N ASP A 370 -42.36 28.03 -22.92
CA ASP A 370 -41.02 28.64 -22.86
C ASP A 370 -40.91 29.50 -21.61
N ASP A 371 -42.02 30.16 -21.20
CA ASP A 371 -42.06 31.01 -20.01
C ASP A 371 -42.06 30.19 -18.71
N TRP A 372 -41.46 28.99 -18.77
CA TRP A 372 -41.24 28.10 -17.64
C TRP A 372 -39.75 27.99 -17.50
N VAL A 373 -39.33 28.18 -16.26
CA VAL A 373 -37.96 28.17 -15.80
C VAL A 373 -37.73 27.08 -14.77
N CYS A 374 -36.46 26.63 -14.66
CA CYS A 374 -35.99 25.63 -13.72
C CYS A 374 -36.36 26.03 -12.29
N PRO A 375 -37.14 25.21 -11.57
CA PRO A 375 -37.54 25.61 -10.20
C PRO A 375 -36.40 25.60 -9.17
N LEU A 376 -35.22 25.08 -9.56
CA LEU A 376 -34.05 25.08 -8.69
C LEU A 376 -33.18 26.32 -8.99
N CYS A 377 -32.55 26.41 -10.20
CA CYS A 377 -31.65 27.52 -10.54
C CYS A 377 -32.31 28.72 -11.24
N GLY A 378 -33.44 28.53 -11.91
CA GLY A 378 -34.15 29.62 -12.58
C GLY A 378 -33.86 29.85 -14.05
N VAL A 379 -33.02 29.02 -14.68
CA VAL A 379 -32.73 29.16 -16.12
C VAL A 379 -33.89 28.61 -16.96
N GLY A 380 -33.99 29.08 -18.20
CA GLY A 380 -35.03 28.66 -19.12
C GLY A 380 -34.95 27.24 -19.63
N LYS A 381 -36.02 26.84 -20.34
CA LYS A 381 -36.19 25.53 -20.98
C LYS A 381 -35.08 25.23 -22.03
N ASP A 382 -34.47 26.29 -22.58
CA ASP A 382 -33.38 26.21 -23.56
C ASP A 382 -32.09 25.56 -22.94
N GLN A 383 -31.89 25.72 -21.61
CA GLN A 383 -30.73 25.18 -20.88
C GLN A 383 -30.96 23.74 -20.35
N PHE A 384 -32.03 23.06 -20.81
CA PHE A 384 -32.38 21.70 -20.39
C PHE A 384 -32.02 20.69 -21.45
N GLU A 385 -31.32 19.61 -21.03
CA GLU A 385 -30.87 18.52 -21.89
C GLU A 385 -31.62 17.24 -21.60
N GLU A 386 -31.92 16.45 -22.65
CA GLU A 386 -32.62 15.18 -22.47
C GLU A 386 -31.74 14.16 -21.80
N VAL A 387 -32.28 13.43 -20.81
CA VAL A 387 -31.49 12.39 -20.15
C VAL A 387 -31.55 11.11 -20.99
N GLU A 388 -30.42 10.81 -21.66
CA GLU A 388 -30.28 9.68 -22.57
C GLU A 388 -29.82 8.44 -21.83
N GLU A 389 -30.44 7.29 -22.11
CA GLU A 389 -30.08 6.00 -21.51
C GLU A 389 -28.88 5.42 -22.24
N ARG A 390 -27.78 5.18 -21.50
CA ARG A 390 -26.56 4.61 -22.05
C ARG A 390 -26.16 3.37 -21.27
N ASP A 391 -25.90 2.27 -22.00
CA ASP A 391 -25.44 1.01 -21.41
C ASP A 391 -24.01 1.20 -20.87
N SER A 392 -23.28 2.20 -21.43
CA SER A 392 -21.92 2.55 -21.01
C SER A 392 -21.94 3.05 -19.57
N GLU A 393 -22.99 3.81 -19.19
CA GLU A 393 -23.15 4.34 -17.85
C GLU A 393 -23.43 3.22 -16.86
N VAL A 394 -24.17 2.20 -17.32
CA VAL A 394 -24.56 1.01 -16.56
C VAL A 394 -23.32 0.15 -16.36
N GLU A 395 -22.56 -0.09 -17.44
CA GLU A 395 -21.31 -0.85 -17.46
C GLU A 395 -20.30 -0.27 -16.48
N MET A 396 -20.11 1.06 -16.49
CA MET A 396 -19.21 1.77 -15.60
C MET A 396 -19.73 1.72 -14.17
N MET A 397 -21.01 1.98 -13.95
CA MET A 397 -21.59 1.92 -12.60
C MET A 397 -21.37 0.53 -11.95
N ALA A 398 -21.51 -0.54 -12.76
CA ALA A 398 -21.30 -1.94 -12.37
C ALA A 398 -19.83 -2.16 -11.97
N GLN A 399 -18.88 -1.71 -12.82
CA GLN A 399 -17.44 -1.79 -12.57
C GLN A 399 -17.09 -0.99 -11.32
N ALA A 400 -17.69 0.19 -11.14
CA ALA A 400 -17.47 1.03 -9.97
C ALA A 400 -17.99 0.38 -8.70
N LEU A 401 -19.11 -0.36 -8.78
CA LEU A 401 -19.67 -1.07 -7.62
C LEU A 401 -18.82 -2.30 -7.34
N GLY A 402 -18.44 -3.00 -8.41
CA GLY A 402 -17.60 -4.20 -8.37
C GLY A 402 -16.27 -3.92 -7.71
N ILE A 403 -15.62 -2.80 -8.08
CA ILE A 403 -14.37 -2.32 -7.52
C ILE A 403 -14.57 -1.98 -6.03
N MET A 404 -15.70 -1.35 -5.71
CA MET A 404 -16.13 -0.91 -4.38
C MET A 404 -16.35 -2.07 -3.41
N VAL A 405 -17.01 -3.15 -3.89
CA VAL A 405 -17.33 -4.37 -3.15
C VAL A 405 -16.03 -5.15 -2.89
N VAL A 406 -15.14 -5.19 -3.90
CA VAL A 406 -13.83 -5.85 -3.84
C VAL A 406 -13.01 -5.21 -2.70
N ALA A 407 -12.96 -3.86 -2.68
CA ALA A 407 -12.26 -3.09 -1.65
C ALA A 407 -12.92 -3.25 -0.30
N SER A 408 -14.26 -3.39 -0.28
CA SER A 408 -15.02 -3.57 0.96
C SER A 408 -14.62 -4.88 1.64
N VAL A 409 -14.67 -5.95 0.86
CA VAL A 409 -14.38 -7.32 1.28
C VAL A 409 -12.91 -7.51 1.64
N CYS A 410 -11.98 -7.06 0.78
CA CYS A 410 -10.54 -7.29 0.95
C CYS A 410 -9.83 -6.34 1.92
N TRP A 411 -10.10 -5.03 1.77
CA TRP A 411 -9.40 -4.00 2.51
C TRP A 411 -9.93 -3.70 3.88
N LEU A 412 -11.27 -3.48 4.03
CA LEU A 412 -11.90 -3.16 5.32
C LEU A 412 -11.48 -4.05 6.49
N PRO A 413 -11.45 -5.43 6.38
CA PRO A 413 -10.96 -6.24 7.52
C PRO A 413 -9.58 -5.82 8.04
N LEU A 414 -8.59 -5.63 7.13
CA LEU A 414 -7.25 -5.20 7.50
C LEU A 414 -7.27 -3.79 8.13
N LEU A 415 -7.96 -2.83 7.49
CA LEU A 415 -8.07 -1.45 7.95
C LEU A 415 -8.66 -1.39 9.32
N VAL A 416 -9.73 -2.16 9.58
CA VAL A 416 -10.32 -2.23 10.92
C VAL A 416 -9.29 -2.84 11.89
N PHE A 417 -8.68 -3.98 11.51
CA PHE A 417 -7.67 -4.66 12.32
C PHE A 417 -6.53 -3.75 12.76
N ILE A 418 -5.99 -2.96 11.82
CA ILE A 418 -4.92 -2.01 12.10
C ILE A 418 -5.38 -1.05 13.18
N ALA A 419 -6.47 -0.32 12.96
CA ALA A 419 -7.01 0.66 13.91
C ALA A 419 -7.29 0.08 15.29
N GLN A 420 -7.79 -1.17 15.37
CA GLN A 420 -8.09 -1.85 16.63
C GLN A 420 -6.82 -2.21 17.37
N THR A 421 -5.81 -2.72 16.64
CA THR A 421 -4.54 -3.15 17.19
C THR A 421 -3.81 -1.97 17.82
N VAL A 422 -3.88 -0.85 17.12
CA VAL A 422 -3.26 0.39 17.48
C VAL A 422 -3.99 1.04 18.68
N LEU A 423 -5.31 0.84 18.79
CA LEU A 423 -6.15 1.40 19.86
C LEU A 423 -6.49 0.44 21.00
N ARG A 424 -5.88 -0.77 21.02
CA ARG A 424 -6.10 -1.81 22.03
C ARG A 424 -5.86 -1.29 23.48
N ASN A 425 -6.92 -1.43 24.37
CA ASN A 425 -6.96 -1.01 25.79
C ASN A 425 -5.68 -1.45 26.51
N PRO A 426 -5.38 -2.77 26.73
CA PRO A 426 -4.03 -3.12 27.19
C PRO A 426 -3.15 -3.16 25.91
N PRO A 427 -2.01 -2.42 25.84
CA PRO A 427 -1.24 -2.39 24.59
C PRO A 427 -1.08 -3.72 23.85
N ALA A 428 -1.36 -3.69 22.53
CA ALA A 428 -1.28 -4.84 21.61
C ALA A 428 0.16 -5.31 21.41
N MET A 429 1.13 -4.40 21.57
CA MET A 429 2.54 -4.66 21.39
C MET A 429 3.34 -4.48 22.68
N SER A 430 4.34 -5.36 22.90
CA SER A 430 5.20 -5.29 24.08
C SER A 430 6.18 -4.08 23.96
N PRO A 431 6.85 -3.59 25.06
CA PRO A 431 7.81 -2.48 24.90
C PRO A 431 9.02 -2.77 24.00
N ALA A 432 9.32 -4.06 23.77
CA ALA A 432 10.39 -4.51 22.88
C ALA A 432 9.88 -4.46 21.42
N GLY A 433 8.57 -4.41 21.26
CA GLY A 433 7.92 -4.37 19.96
C GLY A 433 7.42 -5.73 19.52
N GLN A 434 7.16 -6.66 20.45
CA GLN A 434 6.67 -8.00 20.12
C GLN A 434 5.14 -8.08 20.13
N LEU A 435 4.58 -8.81 19.15
CA LEU A 435 3.13 -9.05 18.99
C LEU A 435 2.82 -10.51 19.30
N SER A 436 1.58 -10.82 19.74
CA SER A 436 1.17 -12.22 20.01
C SER A 436 1.17 -12.97 18.69
N ARG A 437 1.40 -14.32 18.69
CA ARG A 437 1.39 -15.01 17.40
C ARG A 437 0.01 -15.08 16.80
N THR A 438 -1.04 -14.86 17.63
CA THR A 438 -2.41 -14.77 17.11
C THR A 438 -2.52 -13.47 16.31
N THR A 439 -2.13 -12.31 16.90
CA THR A 439 -2.20 -11.05 16.14
C THR A 439 -1.22 -11.07 14.97
N GLU A 440 -0.06 -11.74 15.12
CA GLU A 440 0.93 -11.90 14.06
C GLU A 440 0.32 -12.68 12.89
N LYS A 441 -0.50 -13.69 13.19
CA LYS A 441 -1.18 -14.48 12.17
C LYS A 441 -2.38 -13.71 11.60
N GLU A 442 -3.22 -13.10 12.46
CA GLU A 442 -4.40 -12.30 12.07
C GLU A 442 -4.04 -11.28 11.02
N LEU A 443 -2.94 -10.54 11.23
CA LEU A 443 -2.43 -9.54 10.30
C LEU A 443 -2.04 -10.13 8.96
N LEU A 444 -1.30 -11.24 8.96
CA LEU A 444 -0.87 -11.92 7.75
C LEU A 444 -2.09 -12.39 6.94
N ILE A 445 -3.08 -13.00 7.61
CA ILE A 445 -4.33 -13.47 7.03
C ILE A 445 -5.07 -12.28 6.45
N TYR A 446 -5.18 -11.16 7.23
CA TYR A 446 -5.86 -9.92 6.80
C TYR A 446 -5.18 -9.25 5.63
N LEU A 447 -3.83 -9.33 5.56
CA LEU A 447 -3.04 -8.77 4.47
C LEU A 447 -3.21 -9.64 3.22
N ARG A 448 -3.15 -10.97 3.39
CA ARG A 448 -3.35 -11.95 2.31
C ARG A 448 -4.72 -11.72 1.64
N VAL A 449 -5.73 -11.29 2.43
CA VAL A 449 -7.07 -10.96 1.97
C VAL A 449 -7.00 -9.69 1.10
N ALA A 450 -6.34 -8.63 1.61
CA ALA A 450 -6.14 -7.34 0.93
C ALA A 450 -5.42 -7.53 -0.39
N THR A 451 -4.47 -8.47 -0.45
CA THR A 451 -3.74 -8.84 -1.67
C THR A 451 -4.74 -9.16 -2.80
N TRP A 452 -5.85 -9.80 -2.44
CA TRP A 452 -6.87 -10.18 -3.41
C TRP A 452 -7.53 -9.01 -4.13
N ASN A 453 -7.56 -7.83 -3.51
CA ASN A 453 -8.14 -6.68 -4.17
C ASN A 453 -7.34 -6.41 -5.48
N GLN A 454 -5.98 -6.45 -5.42
CA GLN A 454 -5.10 -6.21 -6.56
C GLN A 454 -5.20 -7.27 -7.66
N ILE A 455 -5.72 -8.47 -7.32
CA ILE A 455 -5.95 -9.58 -8.26
C ILE A 455 -7.38 -9.48 -8.87
N LEU A 456 -8.39 -9.09 -8.04
CA LEU A 456 -9.80 -9.02 -8.42
C LEU A 456 -10.23 -7.73 -9.13
N ASP A 457 -9.57 -6.58 -8.85
CA ASP A 457 -9.91 -5.34 -9.56
C ASP A 457 -9.78 -5.55 -11.08
N PRO A 458 -8.66 -6.11 -11.67
CA PRO A 458 -8.64 -6.32 -13.13
C PRO A 458 -9.77 -7.19 -13.67
N TRP A 459 -10.24 -8.16 -12.85
CA TRP A 459 -11.34 -9.06 -13.21
C TRP A 459 -12.69 -8.42 -13.19
N VAL A 460 -12.92 -7.42 -12.30
CA VAL A 460 -14.16 -6.66 -12.31
C VAL A 460 -14.25 -6.01 -13.70
N TYR A 461 -13.16 -5.44 -14.21
CA TYR A 461 -13.17 -4.87 -15.54
C TYR A 461 -13.33 -5.90 -16.63
N ILE A 462 -12.64 -7.05 -16.52
CA ILE A 462 -12.69 -8.12 -17.53
C ILE A 462 -14.10 -8.69 -17.64
N LEU A 463 -14.75 -8.99 -16.49
CA LEU A 463 -16.06 -9.65 -16.39
C LEU A 463 -17.29 -8.73 -16.42
N PHE A 464 -17.26 -7.59 -15.71
CA PHE A 464 -18.37 -6.61 -15.63
C PHE A 464 -18.41 -5.75 -16.89
N ARG A 465 -18.64 -6.40 -18.05
CA ARG A 465 -18.71 -5.77 -19.36
C ARG A 465 -19.91 -6.29 -20.15
N ARG A 466 -20.54 -5.40 -20.95
CA ARG A 466 -21.72 -5.72 -21.76
C ARG A 466 -21.43 -6.84 -22.78
N ALA A 467 -20.19 -6.86 -23.33
CA ALA A 467 -19.73 -7.88 -24.27
C ALA A 467 -19.69 -9.27 -23.64
N VAL A 468 -19.32 -9.36 -22.33
CA VAL A 468 -19.23 -10.62 -21.54
C VAL A 468 -20.63 -11.18 -21.30
N LEU A 469 -21.55 -10.29 -20.91
CA LEU A 469 -22.96 -10.59 -20.70
C LEU A 469 -23.49 -11.21 -22.02
N ARG A 470 -23.19 -10.58 -23.17
CA ARG A 470 -23.59 -10.97 -24.53
C ARG A 470 -23.00 -12.32 -24.98
N ARG A 471 -21.66 -12.49 -24.92
CA ARG A 471 -20.97 -13.72 -25.32
C ARG A 471 -21.28 -14.90 -24.39
N LEU A 472 -21.53 -14.63 -23.09
CA LEU A 472 -21.85 -15.65 -22.09
C LEU A 472 -23.31 -15.50 -21.58
N GLN A 473 -24.24 -15.47 -22.53
CA GLN A 473 -25.69 -15.33 -22.33
C GLN A 473 -26.41 -16.71 -22.49
N PRO A 474 -26.20 -17.51 -23.58
CA PRO A 474 -26.93 -18.79 -23.70
C PRO A 474 -26.49 -19.91 -22.74
N ARG A 475 -25.77 -19.57 -21.64
CA ARG A 475 -25.35 -20.52 -20.63
C ARG A 475 -26.55 -20.88 -19.74
N LEU A 476 -27.41 -19.87 -19.49
CA LEU A 476 -28.64 -19.98 -18.69
C LEU A 476 -29.82 -20.46 -19.54
#